data_6BKT
#
_entry.id   6BKT
#
_cell.length_a   100.354
_cell.length_b   100.353
_cell.length_c   394.281
_cell.angle_alpha   90.00
_cell.angle_beta   90.00
_cell.angle_gamma   120.00
#
_symmetry.space_group_name_H-M   'H 3 2'
#
loop_
_entity.id
_entity.type
_entity.pdbx_description
1 polymer Hemagglutinin
2 polymer Hemagglutinin
3 branched 2-acetamido-2-deoxy-beta-D-glucopyranose-(1-4)-2-acetamido-2-deoxy-beta-D-glucopyranose
4 branched 'N-acetyl-alpha-neuraminic acid-(2-6)-beta-D-galactopyranose-(1-4)-2-acetamido-2-deoxy-beta-D-glucopyranose'
5 non-polymer 2-acetamido-2-deoxy-beta-D-glucopyranose
6 non-polymer DI(HYDROXYETHYL)ETHER
7 non-polymer 'SULFATE ION'
8 non-polymer 'PENTAETHYLENE GLYCOL'
9 water water
#
loop_
_entity_poly.entity_id
_entity_poly.type
_entity_poly.pdbx_seq_one_letter_code
_entity_poly.pdbx_strand_id
1 'polypeptide(L)'
;ADPGATLCLGHHAVPNGTIVKTITNDRIEVTNATELVQNSSIGEICDSPHQILDGENCTLIDALLGDPQCDGFQNKKWDL
FVERSKAYSNCYPYDVPDYASLRSLVASSGTLEFNNESFNWTGVTQNGTSSACIRRSSSSFFSRLNWLTHLNYKYPALNV
TMPNNEQFDKLYIWGVHHPGTDKDQIFLYAQSSGRITVSTKRSQQAVIPNIGSRPKIRDIPSRISIYWTIVKPGDILLIN
STGNLIAPRGYFKIRSGKSSIMRSDAPIGKCKSECITPNGSIPNDKPFQNVNRITYGACPRYVKHSTLKLATGMRNVPEK
QTR
;
A
2 'polypeptide(L)'
;GIFGAIAGFIENGWEGMVDGWYGFRHQNSEGRGQAADLKSTQAAIDQINGKLNRLIGKTNEKFHQIEKEFSEVEGRIQDL
EKYVEDTKIDLWSYNAELLVALENQHTIDLTDSEMNKLFEKTKKQLRENAEDMGNGCFKIYHKCDNACIGSIRNGTYDHN
VYRDEALNNRFQIK
;
B
#
# COMPACT_ATOMS: atom_id res chain seq x y z
N PRO A 3 54.04 28.03 -27.28
CA PRO A 3 53.59 27.07 -26.25
C PRO A 3 52.03 26.92 -26.14
N GLY A 4 51.32 27.97 -25.73
CA GLY A 4 49.86 27.92 -25.72
C GLY A 4 49.34 27.18 -24.52
N ALA A 5 48.17 26.59 -24.67
CA ALA A 5 47.51 25.90 -23.57
C ALA A 5 46.64 24.78 -24.09
N THR A 6 46.27 23.88 -23.19
CA THR A 6 45.23 22.91 -23.51
CA THR A 6 45.27 22.86 -23.48
C THR A 6 44.13 23.03 -22.48
N LEU A 7 42.90 22.99 -22.97
CA LEU A 7 41.72 23.04 -22.12
C LEU A 7 40.88 21.82 -22.42
N CYS A 8 40.71 20.96 -21.40
CA CYS A 8 39.98 19.69 -21.55
C CYS A 8 38.62 19.77 -20.85
N LEU A 9 37.57 19.34 -21.54
CA LEU A 9 36.26 19.26 -20.96
C LEU A 9 36.06 17.86 -20.46
N GLY A 10 35.35 17.69 -19.37
CA GLY A 10 35.09 16.36 -18.88
C GLY A 10 34.05 16.30 -17.81
N HIS A 11 33.91 15.09 -17.24
CA HIS A 11 32.84 14.81 -16.28
C HIS A 11 33.40 13.92 -15.18
N HIS A 12 32.69 13.85 -14.05
CA HIS A 12 33.17 13.05 -12.91
C HIS A 12 32.93 11.56 -13.12
N ALA A 13 33.51 10.79 -12.22
CA ALA A 13 33.28 9.37 -12.14
C ALA A 13 33.48 9.02 -10.67
N VAL A 14 33.06 7.83 -10.28
CA VAL A 14 33.19 7.38 -8.89
C VAL A 14 33.83 5.99 -8.91
N PRO A 15 34.53 5.62 -7.79
CA PRO A 15 35.07 4.25 -7.73
C PRO A 15 34.03 3.16 -7.44
N ASN A 16 32.86 3.54 -6.91
CA ASN A 16 31.81 2.60 -6.47
C ASN A 16 30.51 2.85 -7.24
N GLY A 17 30.49 2.53 -8.53
CA GLY A 17 29.29 2.76 -9.38
C GLY A 17 28.17 1.77 -9.10
N THR A 18 27.01 1.97 -9.72
CA THR A 18 25.85 1.07 -9.47
C THR A 18 25.29 0.61 -10.80
N ILE A 19 24.91 -0.66 -10.87
CA ILE A 19 24.37 -1.24 -12.12
C ILE A 19 22.84 -1.02 -12.18
N VAL A 20 22.37 -0.47 -13.31
CA VAL A 20 20.96 -0.28 -13.61
C VAL A 20 20.61 -0.89 -14.97
N LYS A 21 19.31 -1.00 -15.23
CA LYS A 21 18.79 -1.48 -16.50
C LYS A 21 18.25 -0.31 -17.29
N THR A 22 18.39 -0.40 -18.61
CA THR A 22 17.81 0.58 -19.52
C THR A 22 17.03 -0.20 -20.61
N ILE A 23 16.48 0.54 -21.56
CA ILE A 23 15.79 0.00 -22.76
C ILE A 23 16.74 -0.81 -23.67
N THR A 24 17.99 -0.44 -23.73
CA THR A 24 18.94 -1.10 -24.62
C THR A 24 19.99 -1.97 -23.90
N ASN A 25 20.05 -1.94 -22.58
N ASN A 25 20.11 -1.84 -22.57
CA ASN A 25 21.12 -2.70 -21.91
CA ASN A 25 21.14 -2.57 -21.79
C ASN A 25 20.62 -3.13 -20.55
C ASN A 25 20.51 -3.15 -20.54
N ASP A 26 20.71 -4.43 -20.30
CA ASP A 26 20.23 -4.99 -19.04
C ASP A 26 21.17 -4.66 -17.85
N ARG A 27 22.41 -4.28 -18.12
CA ARG A 27 23.38 -3.96 -17.07
C ARG A 27 24.27 -2.84 -17.52
N ILE A 28 24.09 -1.63 -17.00
CA ILE A 28 24.97 -0.54 -17.31
C ILE A 28 25.27 0.25 -16.03
N GLU A 29 26.52 0.69 -15.89
CA GLU A 29 26.97 1.28 -14.64
C GLU A 29 26.78 2.78 -14.67
N VAL A 30 26.14 3.28 -13.65
CA VAL A 30 25.96 4.71 -13.43
C VAL A 30 26.61 5.15 -12.10
N THR A 31 26.77 6.45 -11.91
CA THR A 31 27.42 6.96 -10.70
C THR A 31 26.63 6.75 -9.42
N ASN A 32 25.30 6.66 -9.52
CA ASN A 32 24.46 6.53 -8.34
C ASN A 32 23.07 6.12 -8.82
N ALA A 33 22.35 5.45 -7.93
CA ALA A 33 20.98 5.07 -8.21
C ALA A 33 20.20 5.05 -6.92
N THR A 34 18.89 4.97 -7.03
CA THR A 34 18.07 4.81 -5.87
C THR A 34 17.06 3.69 -6.09
N GLU A 35 16.83 2.90 -5.05
CA GLU A 35 15.89 1.80 -5.10
C GLU A 35 14.45 2.26 -5.06
N LEU A 36 13.64 1.76 -6.00
CA LEU A 36 12.24 2.12 -6.05
C LEU A 36 11.25 1.08 -5.47
N VAL A 37 11.75 -0.09 -5.09
CA VAL A 37 10.93 -1.16 -4.51
C VAL A 37 11.26 -1.33 -3.04
N GLN A 38 10.34 -0.96 -2.18
CA GLN A 38 10.49 -1.19 -0.75
C GLN A 38 10.41 -2.68 -0.47
N ASN A 39 11.45 -3.23 0.15
CA ASN A 39 11.54 -4.68 0.33
C ASN A 39 11.52 -5.20 1.76
N SER A 40 11.32 -4.33 2.72
CA SER A 40 11.34 -4.74 4.11
C SER A 40 10.23 -4.04 4.88
N SER A 41 9.80 -4.69 5.95
CA SER A 41 8.96 -4.06 6.98
CA SER A 41 8.95 -4.08 6.96
C SER A 41 9.74 -4.03 8.27
N ILE A 42 9.26 -3.22 9.21
CA ILE A 42 9.82 -3.15 10.56
CA ILE A 42 9.88 -3.21 10.55
C ILE A 42 9.31 -4.30 11.45
N GLY A 43 8.37 -5.11 10.96
CA GLY A 43 7.87 -6.27 11.67
C GLY A 43 6.86 -6.04 12.78
N GLU A 44 6.38 -4.79 12.88
CA GLU A 44 5.37 -4.36 13.84
CA GLU A 44 5.36 -4.38 13.85
C GLU A 44 4.40 -3.42 13.12
N ILE A 45 3.15 -3.42 13.53
CA ILE A 45 2.16 -2.49 13.01
C ILE A 45 2.14 -1.26 13.91
N CYS A 46 2.54 -0.12 13.36
CA CYS A 46 2.60 1.10 14.13
C CYS A 46 1.18 1.57 14.45
N ASP A 47 0.98 1.99 15.69
CA ASP A 47 -0.35 2.37 16.16
C ASP A 47 -0.80 3.80 15.82
N SER A 48 0.03 4.57 15.12
CA SER A 48 -0.32 5.88 14.58
C SER A 48 0.05 5.88 13.13
N PRO A 49 -0.64 6.63 12.27
CA PRO A 49 -1.78 7.49 12.61
C PRO A 49 -3.17 6.78 12.59
N HIS A 50 -3.23 5.51 12.17
CA HIS A 50 -4.48 4.80 12.03
C HIS A 50 -4.87 4.24 13.37
N GLN A 51 -6.16 4.32 13.70
CA GLN A 51 -6.64 3.69 14.92
C GLN A 51 -6.76 2.19 14.77
N ILE A 52 -5.88 1.47 15.46
CA ILE A 52 -5.76 0.03 15.38
C ILE A 52 -6.49 -0.64 16.52
N LEU A 53 -7.28 -1.65 16.21
CA LEU A 53 -7.89 -2.46 17.26
C LEU A 53 -7.39 -3.88 17.08
N ASP A 54 -6.62 -4.36 18.06
CA ASP A 54 -6.09 -5.71 18.07
C ASP A 54 -7.16 -6.70 18.54
N GLY A 55 -7.60 -7.59 17.65
CA GLY A 55 -8.63 -8.57 17.95
C GLY A 55 -8.24 -9.60 19.00
N GLU A 56 -6.94 -9.81 19.21
CA GLU A 56 -6.47 -10.80 20.22
C GLU A 56 -7.05 -12.18 19.92
N ASN A 57 -7.81 -12.78 20.84
CA ASN A 57 -8.42 -14.10 20.59
C ASN A 57 -9.74 -14.08 19.81
N CYS A 58 -10.18 -12.88 19.36
CA CYS A 58 -11.52 -12.71 18.81
C CYS A 58 -11.49 -12.35 17.32
N THR A 59 -12.29 -13.06 16.52
CA THR A 59 -12.64 -12.58 15.20
C THR A 59 -13.58 -11.40 15.34
N LEU A 60 -13.68 -10.62 14.27
CA LEU A 60 -14.62 -9.51 14.29
C LEU A 60 -16.06 -10.02 14.47
N ILE A 61 -16.38 -11.12 13.78
CA ILE A 61 -17.73 -11.69 13.90
C ILE A 61 -18.04 -12.13 15.34
N ASP A 62 -17.08 -12.74 16.01
CA ASP A 62 -17.30 -13.09 17.44
C ASP A 62 -17.45 -11.87 18.36
N ALA A 63 -16.71 -10.81 18.08
CA ALA A 63 -16.87 -9.55 18.80
C ALA A 63 -18.25 -8.90 18.54
N LEU A 64 -18.75 -9.05 17.31
CA LEU A 64 -20.08 -8.57 16.94
C LEU A 64 -21.22 -9.31 17.67
N LEU A 65 -21.19 -10.64 17.62
CA LEU A 65 -22.22 -11.48 18.21
C LEU A 65 -22.20 -11.40 19.73
N GLY A 66 -20.98 -11.34 20.28
CA GLY A 66 -20.73 -11.18 21.70
C GLY A 66 -20.35 -12.46 22.41
N ASP A 67 -19.46 -13.23 21.80
CA ASP A 67 -18.76 -14.34 22.45
C ASP A 67 -18.15 -13.79 23.78
N PRO A 68 -18.25 -14.54 24.91
CA PRO A 68 -17.82 -14.02 26.21
C PRO A 68 -16.38 -13.51 26.29
N GLN A 69 -15.46 -14.17 25.60
CA GLN A 69 -14.08 -13.68 25.60
C GLN A 69 -13.92 -12.33 24.89
N CYS A 70 -14.96 -11.87 24.16
CA CYS A 70 -14.92 -10.64 23.37
C CYS A 70 -15.67 -9.47 23.99
N ASP A 71 -16.08 -9.62 25.27
CA ASP A 71 -16.85 -8.56 25.91
C ASP A 71 -16.11 -7.21 25.96
N GLY A 72 -14.78 -7.24 26.03
CA GLY A 72 -13.98 -6.01 26.01
C GLY A 72 -14.08 -5.19 24.72
N PHE A 73 -14.57 -5.82 23.64
CA PHE A 73 -14.76 -5.12 22.35
C PHE A 73 -16.10 -4.41 22.17
N GLN A 74 -17.02 -4.54 23.13
CA GLN A 74 -18.33 -3.93 22.99
C GLN A 74 -18.17 -2.44 22.70
N ASN A 75 -18.86 -1.96 21.68
CA ASN A 75 -18.91 -0.52 21.35
C ASN A 75 -17.56 0.09 20.90
N LYS A 76 -16.56 -0.73 20.61
CA LYS A 76 -15.25 -0.20 20.16
C LYS A 76 -15.33 0.19 18.69
N LYS A 77 -14.43 1.07 18.28
CA LYS A 77 -14.31 1.60 16.93
C LYS A 77 -12.87 1.40 16.45
N TRP A 78 -12.68 1.39 15.14
CA TRP A 78 -11.35 1.19 14.55
C TRP A 78 -11.26 1.81 13.19
N ASP A 79 -10.04 2.15 12.79
CA ASP A 79 -9.68 2.32 11.37
C ASP A 79 -9.30 0.96 10.82
N LEU A 80 -8.48 0.21 11.57
CA LEU A 80 -8.11 -1.16 11.13
C LEU A 80 -8.24 -2.16 12.27
N PHE A 81 -9.12 -3.14 12.05
CA PHE A 81 -9.28 -4.27 12.93
C PHE A 81 -8.27 -5.33 12.53
N VAL A 82 -7.49 -5.80 13.49
CA VAL A 82 -6.47 -6.83 13.20
C VAL A 82 -6.91 -8.17 13.74
N GLU A 83 -7.11 -9.14 12.86
CA GLU A 83 -7.52 -10.48 13.26
C GLU A 83 -6.33 -11.39 13.32
N ARG A 84 -6.20 -12.11 14.42
CA ARG A 84 -5.03 -12.95 14.68
C ARG A 84 -5.33 -14.40 14.35
N SER A 85 -4.33 -15.15 13.92
CA SER A 85 -4.53 -16.56 13.58
C SER A 85 -4.80 -17.48 14.81
N LYS A 86 -4.40 -17.05 16.01
CA LYS A 86 -4.75 -17.76 17.25
C LYS A 86 -6.22 -17.65 17.63
N ALA A 87 -6.99 -16.77 16.97
CA ALA A 87 -8.38 -16.53 17.39
C ALA A 87 -9.19 -17.81 17.33
N TYR A 88 -10.10 -17.98 18.29
CA TYR A 88 -10.99 -19.14 18.30
C TYR A 88 -12.34 -18.71 18.87
N SER A 89 -13.38 -19.44 18.45
CA SER A 89 -14.73 -19.26 18.98
C SER A 89 -14.93 -20.15 20.21
N ASN A 90 -15.67 -19.65 21.20
CA ASN A 90 -15.90 -20.40 22.43
C ASN A 90 -17.29 -20.16 23.00
N CYS A 91 -18.29 -20.17 22.12
CA CYS A 91 -19.68 -19.94 22.50
C CYS A 91 -20.54 -20.99 21.78
N TYR A 92 -21.82 -20.71 21.56
CA TYR A 92 -22.66 -21.69 20.89
C TYR A 92 -22.19 -21.87 19.43
N PRO A 93 -22.15 -23.12 18.93
CA PRO A 93 -21.69 -23.28 17.59
C PRO A 93 -22.63 -22.64 16.57
N TYR A 94 -22.04 -21.95 15.60
CA TYR A 94 -22.80 -21.19 14.63
C TYR A 94 -22.13 -21.14 13.28
N ASP A 95 -22.91 -20.81 12.27
CA ASP A 95 -22.35 -20.41 10.99
C ASP A 95 -23.07 -19.17 10.49
N VAL A 96 -22.46 -18.55 9.49
CA VAL A 96 -23.02 -17.36 8.87
C VAL A 96 -23.02 -17.59 7.37
N PRO A 97 -24.21 -17.81 6.78
CA PRO A 97 -24.29 -17.82 5.31
C PRO A 97 -23.76 -16.49 4.81
N ASP A 98 -22.85 -16.53 3.87
CA ASP A 98 -22.14 -15.34 3.41
C ASP A 98 -21.40 -14.63 4.55
N TYR A 99 -20.72 -15.43 5.36
CA TYR A 99 -19.82 -14.95 6.41
C TYR A 99 -18.91 -13.82 5.91
N ALA A 100 -18.30 -14.01 4.73
CA ALA A 100 -17.32 -13.04 4.24
C ALA A 100 -17.94 -11.67 4.02
N SER A 101 -19.20 -11.65 3.57
CA SER A 101 -19.92 -10.39 3.40
C SER A 101 -20.25 -9.70 4.72
N LEU A 102 -20.68 -10.43 5.73
CA LEU A 102 -20.96 -9.80 7.02
C LEU A 102 -19.68 -9.23 7.62
N ARG A 103 -18.62 -10.03 7.58
CA ARG A 103 -17.30 -9.58 8.05
C ARG A 103 -16.88 -8.29 7.32
N SER A 104 -17.01 -8.27 5.99
CA SER A 104 -16.62 -7.11 5.19
C SER A 104 -17.44 -5.87 5.56
N LEU A 105 -18.76 -6.02 5.63
CA LEU A 105 -19.58 -4.84 5.88
C LEU A 105 -19.38 -4.26 7.29
N VAL A 106 -19.10 -5.12 8.27
CA VAL A 106 -18.80 -4.63 9.62
C VAL A 106 -17.43 -3.97 9.69
N ALA A 107 -16.44 -4.62 9.09
CA ALA A 107 -15.08 -4.08 8.98
C ALA A 107 -15.06 -2.69 8.41
N SER A 108 -15.80 -2.53 7.30
CA SER A 108 -15.82 -1.30 6.53
C SER A 108 -16.58 -0.20 7.28
N SER A 109 -17.57 -0.60 8.07
CA SER A 109 -18.30 0.29 8.97
C SER A 109 -17.43 0.87 10.12
N GLY A 110 -16.56 0.05 10.71
CA GLY A 110 -15.58 0.55 11.69
C GLY A 110 -16.06 0.73 13.11
N THR A 111 -17.23 0.19 13.42
CA THR A 111 -17.81 0.36 14.72
C THR A 111 -18.65 -0.83 15.15
N LEU A 112 -18.52 -1.17 16.42
CA LEU A 112 -19.44 -2.08 17.07
C LEU A 112 -20.41 -1.34 18.02
N GLU A 113 -20.65 -0.03 17.81
CA GLU A 113 -21.58 0.70 18.64
CA GLU A 113 -21.58 0.71 18.64
C GLU A 113 -22.93 0.00 18.57
N PHE A 114 -23.50 -0.33 19.70
CA PHE A 114 -24.73 -1.13 19.78
C PHE A 114 -25.73 -0.40 20.69
N ASN A 115 -26.97 -0.23 20.23
CA ASN A 115 -28.04 0.36 21.03
C ASN A 115 -29.12 -0.67 21.34
N ASN A 116 -29.35 -0.95 22.63
CA ASN A 116 -30.41 -1.89 23.07
C ASN A 116 -31.79 -1.36 22.74
N GLU A 117 -32.70 -2.25 22.40
CA GLU A 117 -34.09 -1.89 22.16
C GLU A 117 -34.94 -2.89 22.91
N SER A 118 -36.11 -2.46 23.35
CA SER A 118 -37.04 -3.32 24.05
C SER A 118 -38.08 -3.85 23.05
N PHE A 119 -38.04 -5.15 22.80
CA PHE A 119 -38.93 -5.76 21.85
C PHE A 119 -40.25 -6.20 22.47
N ASN A 120 -40.28 -6.31 23.79
CA ASN A 120 -41.50 -6.78 24.48
C ASN A 120 -41.91 -8.11 23.85
N TRP A 121 -41.14 -9.13 24.21
CA TRP A 121 -41.42 -10.51 23.85
C TRP A 121 -42.39 -10.97 24.92
N THR A 122 -43.56 -11.38 24.48
CA THR A 122 -44.60 -11.78 25.44
C THR A 122 -45.05 -13.16 25.04
N GLY A 123 -45.17 -14.03 26.04
CA GLY A 123 -45.59 -15.41 25.85
C GLY A 123 -44.47 -16.42 25.72
N VAL A 124 -43.20 -15.96 25.76
CA VAL A 124 -42.03 -16.83 25.61
C VAL A 124 -41.03 -16.60 26.74
N THR A 125 -40.17 -17.59 26.97
CA THR A 125 -39.06 -17.42 27.91
C THR A 125 -37.90 -16.75 27.16
N GLN A 126 -37.31 -15.72 27.75
CA GLN A 126 -36.13 -15.04 27.18
C GLN A 126 -34.83 -15.57 27.79
N ASN A 127 -33.72 -15.17 27.20
CA ASN A 127 -32.40 -15.32 27.81
C ASN A 127 -31.90 -16.74 28.00
N GLY A 128 -32.21 -17.60 27.03
CA GLY A 128 -31.68 -18.94 27.00
C GLY A 128 -30.16 -19.00 26.98
N THR A 129 -29.62 -20.00 27.65
CA THR A 129 -28.19 -20.13 27.85
C THR A 129 -27.70 -21.55 27.54
N SER A 130 -26.39 -21.72 27.54
CA SER A 130 -25.76 -22.99 27.21
C SER A 130 -24.41 -23.10 27.90
N SER A 131 -24.06 -24.33 28.29
CA SER A 131 -22.75 -24.64 28.84
C SER A 131 -21.64 -24.60 27.79
N ALA A 132 -22.01 -24.53 26.51
CA ALA A 132 -21.07 -24.23 25.43
C ALA A 132 -20.61 -22.75 25.43
N CYS A 133 -21.31 -21.88 26.14
CA CYS A 133 -20.98 -20.45 26.15
C CYS A 133 -20.86 -19.94 27.58
N ILE A 134 -19.71 -20.18 28.20
CA ILE A 134 -19.53 -19.84 29.60
C ILE A 134 -19.12 -18.38 29.76
N ARG A 135 -19.90 -17.59 30.53
CA ARG A 135 -19.53 -16.22 30.92
C ARG A 135 -19.48 -16.10 32.44
N ARG A 136 -18.31 -15.77 32.99
CA ARG A 136 -18.10 -15.71 34.45
C ARG A 136 -18.51 -17.02 35.14
N SER A 137 -17.99 -18.15 34.63
CA SER A 137 -18.24 -19.50 35.19
C SER A 137 -19.70 -20.00 35.17
N SER A 138 -20.56 -19.34 34.41
CA SER A 138 -21.97 -19.68 34.32
C SER A 138 -22.34 -19.89 32.88
N SER A 139 -23.30 -20.78 32.62
CA SER A 139 -23.82 -20.98 31.28
C SER A 139 -24.37 -19.64 30.78
N SER A 140 -24.06 -19.27 29.53
CA SER A 140 -24.45 -17.98 29.01
C SER A 140 -24.72 -18.07 27.53
N PHE A 141 -24.67 -16.95 26.83
CA PHE A 141 -25.00 -16.90 25.41
C PHE A 141 -24.37 -15.64 24.78
N PHE A 142 -24.35 -15.58 23.45
CA PHE A 142 -23.93 -14.37 22.75
C PHE A 142 -24.61 -13.15 23.40
N SER A 143 -23.81 -12.15 23.78
CA SER A 143 -24.32 -10.97 24.48
C SER A 143 -25.39 -10.21 23.70
N ARG A 144 -25.27 -10.16 22.38
CA ARG A 144 -26.15 -9.33 21.56
C ARG A 144 -27.35 -10.09 21.02
N LEU A 145 -27.45 -11.38 21.37
CA LEU A 145 -28.53 -12.24 20.92
C LEU A 145 -29.40 -12.75 22.08
N ASN A 146 -30.68 -12.97 21.78
CA ASN A 146 -31.67 -13.38 22.80
C ASN A 146 -32.33 -14.71 22.41
N TRP A 147 -31.91 -15.77 23.08
CA TRP A 147 -32.48 -17.11 22.80
C TRP A 147 -33.88 -17.29 23.46
N LEU A 148 -34.92 -17.18 22.63
CA LEU A 148 -36.31 -17.35 23.08
C LEU A 148 -36.74 -18.83 23.00
N THR A 149 -37.35 -19.32 24.09
CA THR A 149 -37.94 -20.66 24.14
C THR A 149 -39.37 -20.59 24.69
N HIS A 150 -40.03 -21.74 24.74
CA HIS A 150 -41.40 -21.81 25.24
C HIS A 150 -41.53 -21.27 26.67
N LEU A 151 -42.75 -20.82 26.98
CA LEU A 151 -43.19 -20.51 28.33
C LEU A 151 -44.42 -21.38 28.62
N ASN A 152 -44.34 -22.22 29.65
CA ASN A 152 -45.45 -23.12 30.04
C ASN A 152 -45.92 -23.99 28.86
N TYR A 153 -44.94 -24.62 28.18
CA TYR A 153 -45.13 -25.48 26.99
C TYR A 153 -46.00 -24.92 25.85
N LYS A 154 -46.08 -23.59 25.79
CA LYS A 154 -46.66 -22.84 24.68
C LYS A 154 -45.53 -21.93 24.13
N TYR A 155 -45.45 -21.83 22.80
CA TYR A 155 -44.66 -20.81 22.13
C TYR A 155 -45.65 -20.09 21.21
N PRO A 156 -46.29 -19.02 21.73
CA PRO A 156 -47.29 -18.33 20.92
C PRO A 156 -46.62 -17.51 19.83
N ALA A 157 -47.24 -17.47 18.66
CA ALA A 157 -46.67 -16.80 17.50
C ALA A 157 -46.24 -15.38 17.85
N LEU A 158 -45.03 -15.01 17.43
CA LEU A 158 -44.50 -13.67 17.61
C LEU A 158 -44.77 -12.89 16.34
N ASN A 159 -45.20 -11.64 16.54
CA ASN A 159 -45.38 -10.70 15.44
C ASN A 159 -45.07 -9.31 15.95
N VAL A 160 -43.78 -8.94 15.89
CA VAL A 160 -43.25 -7.74 16.56
C VAL A 160 -42.65 -6.74 15.56
N THR A 161 -42.87 -5.47 15.84
CA THR A 161 -42.47 -4.37 15.00
C THR A 161 -41.36 -3.61 15.75
N MET A 162 -40.42 -3.03 15.01
CA MET A 162 -39.53 -2.02 15.59
C MET A 162 -39.25 -0.92 14.56
N PRO A 163 -39.87 0.26 14.71
CA PRO A 163 -39.66 1.30 13.71
C PRO A 163 -38.27 1.90 13.81
N ASN A 164 -37.70 2.31 12.66
CA ASN A 164 -36.51 3.13 12.66
C ASN A 164 -36.92 4.58 12.52
N ASN A 165 -36.97 5.27 13.67
CA ASN A 165 -37.29 6.71 13.71
C ASN A 165 -36.04 7.61 13.83
N GLU A 166 -34.86 7.02 13.63
CA GLU A 166 -33.59 7.75 13.68
C GLU A 166 -33.25 8.34 12.31
N GLN A 167 -32.13 9.07 12.26
CA GLN A 167 -31.59 9.68 11.05
C GLN A 167 -30.52 8.81 10.39
N PHE A 168 -30.26 7.63 10.95
CA PHE A 168 -29.21 6.76 10.44
C PHE A 168 -29.76 5.36 10.23
N ASP A 169 -29.01 4.55 9.50
CA ASP A 169 -29.35 3.14 9.26
C ASP A 169 -29.05 2.27 10.48
N LYS A 170 -29.89 1.27 10.72
CA LYS A 170 -29.70 0.29 11.78
C LYS A 170 -29.32 -1.08 11.18
N LEU A 171 -28.36 -1.75 11.80
CA LEU A 171 -27.97 -3.08 11.35
C LEU A 171 -28.45 -4.03 12.41
N TYR A 172 -29.35 -4.95 12.04
CA TYR A 172 -29.82 -5.98 12.94
C TYR A 172 -29.19 -7.30 12.63
N ILE A 173 -28.68 -7.95 13.69
CA ILE A 173 -28.11 -9.29 13.64
C ILE A 173 -29.04 -10.22 14.42
N TRP A 174 -29.39 -11.32 13.78
CA TRP A 174 -30.33 -12.29 14.35
C TRP A 174 -30.02 -13.67 13.83
N GLY A 175 -30.77 -14.67 14.28
CA GLY A 175 -30.52 -16.01 13.78
C GLY A 175 -31.63 -17.00 13.94
N VAL A 176 -31.35 -18.21 13.46
CA VAL A 176 -32.23 -19.35 13.52
C VAL A 176 -31.50 -20.51 14.19
N HIS A 177 -32.16 -21.14 15.15
CA HIS A 177 -31.61 -22.29 15.85
C HIS A 177 -32.08 -23.54 15.12
N HIS A 178 -31.10 -24.37 14.79
CA HIS A 178 -31.28 -25.68 14.15
C HIS A 178 -31.04 -26.76 15.19
N PRO A 179 -32.12 -27.30 15.77
CA PRO A 179 -31.89 -28.31 16.82
C PRO A 179 -31.36 -29.63 16.26
N GLY A 180 -30.65 -30.37 17.10
CA GLY A 180 -30.02 -31.63 16.74
C GLY A 180 -31.00 -32.75 16.46
N THR A 181 -32.16 -32.73 17.12
CA THR A 181 -33.20 -33.76 16.94
C THR A 181 -34.61 -33.19 17.04
N ASP A 182 -35.61 -34.00 16.65
CA ASP A 182 -37.03 -33.61 16.73
C ASP A 182 -37.55 -33.42 18.16
N LYS A 183 -36.94 -34.14 19.10
CA LYS A 183 -37.24 -34.02 20.54
C LYS A 183 -36.80 -32.66 21.10
N ASP A 184 -35.58 -32.26 20.75
CA ASP A 184 -35.03 -30.97 21.16
C ASP A 184 -35.88 -29.82 20.62
N GLN A 185 -36.38 -29.96 19.38
CA GLN A 185 -37.34 -29.01 18.80
C GLN A 185 -38.56 -28.80 19.72
N ILE A 186 -39.10 -29.91 20.24
CA ILE A 186 -40.24 -29.84 21.18
C ILE A 186 -39.84 -29.27 22.54
N PHE A 187 -38.75 -29.80 23.09
CA PHE A 187 -38.25 -29.36 24.40
C PHE A 187 -38.01 -27.84 24.46
N LEU A 188 -37.58 -27.24 23.34
CA LEU A 188 -37.26 -25.81 23.28
C LEU A 188 -38.46 -24.93 22.86
N TYR A 189 -39.16 -25.33 21.79
CA TYR A 189 -40.17 -24.48 21.13
C TYR A 189 -41.60 -25.04 21.22
N ALA A 190 -41.76 -26.18 21.89
CA ALA A 190 -43.06 -26.79 22.13
C ALA A 190 -43.92 -26.93 20.88
N GLN A 191 -43.29 -27.23 19.75
CA GLN A 191 -44.00 -27.56 18.52
C GLN A 191 -42.99 -27.97 17.45
N SER A 192 -43.47 -28.66 16.42
CA SER A 192 -42.62 -29.42 15.51
C SER A 192 -41.94 -28.61 14.40
N SER A 193 -42.52 -27.48 13.98
CA SER A 193 -42.00 -26.70 12.83
C SER A 193 -41.96 -25.19 13.03
N GLY A 194 -40.77 -24.67 13.36
CA GLY A 194 -40.55 -23.22 13.40
C GLY A 194 -40.57 -22.56 12.02
N ARG A 195 -40.94 -21.29 12.01
CA ARG A 195 -40.90 -20.43 10.83
C ARG A 195 -40.36 -19.10 11.32
N ILE A 196 -39.44 -18.50 10.57
CA ILE A 196 -39.01 -17.12 10.85
C ILE A 196 -39.24 -16.30 9.58
N THR A 197 -39.88 -15.15 9.69
CA THR A 197 -39.88 -14.20 8.59
C THR A 197 -39.46 -12.85 9.17
N VAL A 198 -38.33 -12.32 8.70
CA VAL A 198 -37.87 -10.99 9.09
C VAL A 198 -37.93 -10.05 7.90
N SER A 199 -38.64 -8.94 8.03
CA SER A 199 -38.89 -8.09 6.89
C SER A 199 -38.92 -6.60 7.23
N THR A 200 -38.74 -5.81 6.17
CA THR A 200 -38.95 -4.38 6.13
C THR A 200 -39.88 -4.05 4.96
N LYS A 201 -40.13 -2.77 4.73
CA LYS A 201 -40.86 -2.37 3.55
C LYS A 201 -40.14 -2.77 2.29
N ARG A 202 -38.81 -2.86 2.32
CA ARG A 202 -38.05 -3.11 1.09
C ARG A 202 -37.31 -4.44 1.02
N SER A 203 -37.43 -5.29 2.03
CA SER A 203 -36.75 -6.60 2.01
C SER A 203 -37.52 -7.66 2.77
N GLN A 204 -37.29 -8.92 2.46
CA GLN A 204 -37.87 -10.01 3.25
C GLN A 204 -36.87 -11.15 3.30
N GLN A 205 -36.74 -11.77 4.47
CA GLN A 205 -35.92 -12.96 4.66
C GLN A 205 -36.75 -13.98 5.42
N ALA A 206 -36.98 -15.13 4.80
CA ALA A 206 -37.75 -16.20 5.43
C ALA A 206 -36.81 -17.39 5.57
N VAL A 207 -36.76 -17.97 6.77
CA VAL A 207 -35.87 -19.09 7.07
C VAL A 207 -36.70 -20.21 7.73
N ILE A 208 -36.39 -21.45 7.36
CA ILE A 208 -36.95 -22.65 7.99
C ILE A 208 -35.79 -23.34 8.70
N PRO A 209 -35.95 -23.68 10.00
CA PRO A 209 -34.92 -24.55 10.59
C PRO A 209 -34.83 -25.92 9.90
N ASN A 210 -33.62 -26.47 9.88
CA ASN A 210 -33.32 -27.80 9.38
C ASN A 210 -32.82 -28.64 10.54
N ILE A 211 -33.67 -29.54 11.01
CA ILE A 211 -33.39 -30.42 12.15
C ILE A 211 -32.45 -31.55 11.77
N GLY A 212 -31.49 -31.87 12.66
CA GLY A 212 -30.53 -32.95 12.40
C GLY A 212 -29.23 -32.78 13.14
N SER A 213 -28.49 -33.88 13.25
CA SER A 213 -27.26 -33.92 14.03
C SER A 213 -26.09 -33.37 13.22
N ARG A 214 -25.44 -32.35 13.77
CA ARG A 214 -24.12 -31.92 13.31
C ARG A 214 -23.09 -32.43 14.34
N PRO A 215 -21.81 -32.53 13.95
CA PRO A 215 -20.83 -33.03 14.92
C PRO A 215 -20.77 -32.15 16.15
N LYS A 216 -20.57 -32.76 17.31
CA LYS A 216 -20.71 -32.02 18.56
C LYS A 216 -19.51 -31.09 18.82
N ILE A 217 -19.83 -29.84 19.14
CA ILE A 217 -18.86 -28.82 19.51
C ILE A 217 -19.26 -28.39 20.92
N ARG A 218 -18.33 -28.48 21.88
CA ARG A 218 -18.66 -28.28 23.30
C ARG A 218 -19.97 -28.99 23.68
N ASP A 219 -20.09 -30.22 23.19
CA ASP A 219 -21.20 -31.12 23.42
C ASP A 219 -22.56 -30.74 22.80
N ILE A 220 -22.54 -29.91 21.76
CA ILE A 220 -23.76 -29.40 21.15
C ILE A 220 -23.84 -29.91 19.70
N PRO A 221 -24.83 -30.75 19.37
CA PRO A 221 -25.02 -31.19 17.98
C PRO A 221 -25.91 -30.26 17.15
N SER A 222 -26.48 -29.24 17.79
CA SER A 222 -27.29 -28.22 17.11
CA SER A 222 -27.30 -28.21 17.14
C SER A 222 -26.41 -27.08 16.63
N ARG A 223 -26.99 -26.17 15.86
CA ARG A 223 -26.30 -25.01 15.29
C ARG A 223 -27.24 -23.81 15.17
N ILE A 224 -26.67 -22.62 15.27
CA ILE A 224 -27.37 -21.39 14.94
C ILE A 224 -26.84 -20.88 13.60
N SER A 225 -27.71 -20.37 12.74
CA SER A 225 -27.30 -19.69 11.52
C SER A 225 -27.66 -18.23 11.64
N ILE A 226 -26.68 -17.38 11.35
CA ILE A 226 -26.76 -15.94 11.57
C ILE A 226 -27.17 -15.21 10.29
N TYR A 227 -28.10 -14.28 10.45
CA TYR A 227 -28.57 -13.45 9.36
C TYR A 227 -28.47 -12.00 9.80
N TRP A 228 -28.52 -11.08 8.83
CA TRP A 228 -28.57 -9.66 9.13
C TRP A 228 -29.60 -8.95 8.29
N THR A 229 -30.02 -7.79 8.79
CA THR A 229 -31.03 -6.96 8.14
C THR A 229 -30.69 -5.51 8.41
N ILE A 230 -30.65 -4.71 7.36
CA ILE A 230 -30.44 -3.27 7.47
C ILE A 230 -31.78 -2.57 7.37
N VAL A 231 -32.05 -1.68 8.33
CA VAL A 231 -33.29 -0.96 8.34
C VAL A 231 -33.01 0.53 8.20
N LYS A 232 -33.53 1.11 7.12
CA LYS A 232 -33.31 2.51 6.79
C LYS A 232 -34.25 3.41 7.59
N PRO A 233 -33.91 4.71 7.74
CA PRO A 233 -34.80 5.65 8.41
C PRO A 233 -36.17 5.71 7.74
N GLY A 234 -37.22 5.74 8.55
CA GLY A 234 -38.59 5.68 8.05
C GLY A 234 -39.09 4.27 7.76
N ASP A 235 -38.21 3.28 7.79
CA ASP A 235 -38.61 1.90 7.59
C ASP A 235 -38.86 1.27 8.95
N ILE A 236 -39.31 0.02 8.91
CA ILE A 236 -39.76 -0.72 10.08
C ILE A 236 -39.20 -2.13 9.99
N LEU A 237 -38.67 -2.65 11.08
CA LEU A 237 -38.35 -4.08 11.18
C LEU A 237 -39.62 -4.82 11.62
N LEU A 238 -39.95 -5.92 10.94
CA LEU A 238 -41.06 -6.78 11.33
C LEU A 238 -40.58 -8.21 11.47
N ILE A 239 -40.65 -8.74 12.69
CA ILE A 239 -40.25 -10.10 13.00
C ILE A 239 -41.50 -10.88 13.31
N ASN A 240 -41.69 -11.96 12.56
CA ASN A 240 -42.88 -12.80 12.64
C ASN A 240 -42.37 -14.22 12.71
N SER A 241 -42.60 -14.89 13.84
CA SER A 241 -42.04 -16.21 14.08
C SER A 241 -42.84 -17.09 15.03
N THR A 242 -42.85 -18.39 14.74
CA THR A 242 -43.54 -19.40 15.54
C THR A 242 -42.58 -20.37 16.23
N GLY A 243 -41.30 -20.02 16.30
CA GLY A 243 -40.29 -20.89 16.89
C GLY A 243 -38.93 -20.74 16.21
N ASN A 244 -37.88 -21.09 16.96
CA ASN A 244 -36.49 -21.19 16.49
C ASN A 244 -35.79 -19.86 16.25
N LEU A 245 -36.38 -18.76 16.73
CA LEU A 245 -35.79 -17.43 16.58
C LEU A 245 -34.73 -17.20 17.65
N ILE A 246 -33.56 -16.76 17.19
CA ILE A 246 -32.53 -16.19 18.03
C ILE A 246 -32.64 -14.68 17.77
N ALA A 247 -33.23 -13.97 18.72
CA ALA A 247 -33.67 -12.62 18.48
C ALA A 247 -32.54 -11.62 18.71
N PRO A 248 -32.62 -10.47 18.02
CA PRO A 248 -31.73 -9.36 18.31
C PRO A 248 -32.13 -8.68 19.62
N ARG A 249 -31.16 -8.07 20.28
CA ARG A 249 -31.40 -7.26 21.50
C ARG A 249 -31.41 -5.76 21.22
N GLY A 250 -31.21 -5.40 19.96
CA GLY A 250 -31.03 -4.02 19.56
C GLY A 250 -30.35 -3.99 18.19
N TYR A 251 -29.72 -2.86 17.86
CA TYR A 251 -29.08 -2.69 16.56
C TYR A 251 -27.69 -2.08 16.70
N PHE A 252 -26.90 -2.31 15.66
CA PHE A 252 -25.58 -1.72 15.52
C PHE A 252 -25.74 -0.53 14.64
N LYS A 253 -24.94 0.49 14.93
CA LYS A 253 -24.82 1.61 14.05
C LYS A 253 -24.02 1.08 12.87
N ILE A 254 -24.41 1.46 11.68
CA ILE A 254 -23.63 1.12 10.52
C ILE A 254 -23.21 2.46 9.92
N ARG A 255 -21.90 2.65 9.78
CA ARG A 255 -21.32 3.90 9.30
C ARG A 255 -20.63 3.61 7.99
N SER A 256 -20.32 4.66 7.24
CA SER A 256 -19.39 4.56 6.11
C SER A 256 -18.11 5.32 6.41
N GLY A 257 -16.99 4.78 5.96
CA GLY A 257 -15.74 5.52 6.07
C GLY A 257 -14.64 4.63 5.58
N LYS A 258 -13.46 4.82 6.17
CA LYS A 258 -12.22 4.31 5.69
C LYS A 258 -11.80 3.06 6.43
N SER A 259 -12.70 2.45 7.19
CA SER A 259 -12.29 1.36 8.08
C SER A 259 -12.13 0.07 7.30
N SER A 260 -11.32 -0.83 7.82
CA SER A 260 -11.13 -2.15 7.24
C SER A 260 -10.64 -3.15 8.29
N ILE A 261 -10.26 -4.32 7.81
CA ILE A 261 -9.84 -5.45 8.61
C ILE A 261 -8.68 -6.13 7.92
N MET A 262 -7.75 -6.66 8.68
CA MET A 262 -6.56 -7.31 8.12
C MET A 262 -6.18 -8.49 9.00
N ARG A 263 -5.78 -9.60 8.39
CA ARG A 263 -5.28 -10.75 9.10
C ARG A 263 -3.78 -10.62 9.22
N SER A 264 -3.27 -10.60 10.45
CA SER A 264 -1.84 -10.45 10.71
C SER A 264 -1.49 -10.98 12.07
N ASP A 265 -0.29 -11.51 12.20
CA ASP A 265 0.28 -11.84 13.49
C ASP A 265 1.37 -10.90 13.99
N ALA A 266 1.56 -9.79 13.27
CA ALA A 266 2.56 -8.83 13.67
C ALA A 266 2.15 -8.12 14.98
N PRO A 267 3.11 -7.92 15.90
CA PRO A 267 2.77 -7.16 17.10
C PRO A 267 2.46 -5.69 16.79
N ILE A 268 1.69 -5.06 17.67
CA ILE A 268 1.40 -3.64 17.54
C ILE A 268 2.55 -2.87 18.22
N GLY A 269 3.03 -1.82 17.58
CA GLY A 269 4.10 -0.99 18.13
C GLY A 269 3.67 0.45 18.33
N LYS A 270 4.37 1.15 19.23
CA LYS A 270 4.18 2.58 19.42
C LYS A 270 5.15 3.33 18.50
N CYS A 271 4.63 3.71 17.32
CA CYS A 271 5.41 4.37 16.30
C CYS A 271 4.40 4.91 15.27
N LYS A 272 4.89 5.64 14.27
CA LYS A 272 4.03 6.27 13.25
C LYS A 272 4.39 5.67 11.91
N SER A 273 3.40 5.19 11.16
CA SER A 273 3.63 4.80 9.76
C SER A 273 2.31 4.79 9.01
N GLU A 274 2.26 5.49 7.89
CA GLU A 274 1.05 5.57 7.08
C GLU A 274 0.62 4.21 6.48
N CYS A 275 1.58 3.36 6.15
CA CYS A 275 1.32 2.13 5.41
C CYS A 275 1.46 0.89 6.27
N ILE A 276 0.41 0.07 6.27
CA ILE A 276 0.34 -1.15 7.02
C ILE A 276 0.22 -2.31 6.07
N THR A 277 0.98 -3.36 6.35
CA THR A 277 0.87 -4.64 5.66
C THR A 277 0.79 -5.73 6.74
N PRO A 278 0.38 -6.94 6.37
CA PRO A 278 0.35 -7.99 7.40
C PRO A 278 1.69 -8.35 8.00
N ASN A 279 2.76 -8.06 7.28
CA ASN A 279 4.11 -8.24 7.79
C ASN A 279 4.49 -7.19 8.81
N GLY A 280 3.78 -6.07 8.83
CA GLY A 280 4.16 -4.92 9.62
C GLY A 280 4.08 -3.67 8.77
N SER A 281 4.25 -2.54 9.43
CA SER A 281 4.24 -1.28 8.72
C SER A 281 5.47 -1.21 7.82
N ILE A 282 5.34 -0.54 6.69
CA ILE A 282 6.47 -0.30 5.80
C ILE A 282 6.59 1.18 5.50
N PRO A 283 7.81 1.69 5.27
CA PRO A 283 7.91 3.06 4.80
C PRO A 283 7.30 3.26 3.41
N ASN A 284 6.86 4.47 3.14
CA ASN A 284 6.13 4.74 1.94
C ASN A 284 6.80 5.81 1.07
N ASP A 285 8.09 6.03 1.25
CA ASP A 285 8.85 6.94 0.38
C ASP A 285 8.93 6.40 -1.07
N LYS A 286 9.12 5.10 -1.22
CA LYS A 286 9.29 4.50 -2.54
C LYS A 286 7.94 4.27 -3.22
N PRO A 287 7.91 4.30 -4.55
CA PRO A 287 6.61 4.17 -5.19
C PRO A 287 6.08 2.72 -5.25
N PHE A 288 6.96 1.74 -5.08
CA PHE A 288 6.61 0.34 -5.22
C PHE A 288 7.12 -0.43 -4.02
N GLN A 289 6.59 -1.62 -3.87
CA GLN A 289 6.97 -2.52 -2.78
C GLN A 289 6.71 -3.95 -3.15
N ASN A 290 7.50 -4.86 -2.59
CA ASN A 290 7.29 -6.30 -2.80
C ASN A 290 7.07 -7.04 -1.49
N VAL A 291 6.63 -6.31 -0.45
CA VAL A 291 6.42 -6.91 0.85
C VAL A 291 5.13 -7.74 0.86
N ASN A 292 4.03 -7.13 0.45
CA ASN A 292 2.73 -7.82 0.49
C ASN A 292 1.71 -7.16 -0.39
N ARG A 293 0.89 -7.96 -1.06
CA ARG A 293 -0.19 -7.41 -1.88
C ARG A 293 -1.25 -6.76 -0.99
N ILE A 294 -1.40 -7.29 0.23
CA ILE A 294 -2.37 -6.78 1.21
C ILE A 294 -1.81 -5.54 1.87
N THR A 295 -2.53 -4.42 1.71
CA THR A 295 -2.09 -3.16 2.27
C THR A 295 -3.26 -2.34 2.80
N TYR A 296 -2.95 -1.44 3.71
CA TYR A 296 -3.92 -0.46 4.20
C TYR A 296 -3.16 0.84 4.42
N GLY A 297 -3.72 1.93 3.89
CA GLY A 297 -3.20 3.28 4.08
C GLY A 297 -2.49 3.80 2.87
N ALA A 298 -1.63 4.82 3.06
CA ALA A 298 -0.84 5.40 1.96
C ALA A 298 0.35 4.54 1.70
N CYS A 299 0.23 3.64 0.73
CA CYS A 299 1.17 2.56 0.52
C CYS A 299 1.78 2.57 -0.88
N PRO A 300 3.06 2.18 -0.97
CA PRO A 300 3.63 1.88 -2.31
C PRO A 300 2.83 0.75 -2.98
N ARG A 301 2.83 0.71 -4.31
CA ARG A 301 2.12 -0.31 -5.07
C ARG A 301 2.89 -1.61 -5.10
N TYR A 302 2.19 -2.71 -4.87
CA TYR A 302 2.79 -4.03 -4.91
C TYR A 302 3.21 -4.42 -6.31
N VAL A 303 4.44 -4.88 -6.45
CA VAL A 303 4.96 -5.39 -7.71
C VAL A 303 5.72 -6.69 -7.46
N LYS A 304 5.88 -7.48 -8.51
CA LYS A 304 6.66 -8.72 -8.53
C LYS A 304 8.05 -8.45 -9.08
N HIS A 305 8.75 -7.54 -8.46
CA HIS A 305 10.15 -7.30 -8.72
C HIS A 305 10.79 -7.14 -7.35
N SER A 306 11.94 -7.75 -7.17
CA SER A 306 12.67 -7.58 -5.91
C SER A 306 13.48 -6.29 -5.87
N THR A 307 13.82 -5.73 -7.02
CA THR A 307 14.63 -4.51 -7.10
C THR A 307 14.39 -3.79 -8.40
N LEU A 308 14.22 -2.47 -8.33
CA LEU A 308 14.19 -1.63 -9.49
C LEU A 308 14.98 -0.36 -9.18
N LYS A 309 16.18 -0.27 -9.75
CA LYS A 309 17.05 0.84 -9.44
C LYS A 309 16.92 1.97 -10.47
N LEU A 310 16.59 3.15 -9.99
CA LEU A 310 16.46 4.35 -10.82
C LEU A 310 17.80 5.08 -10.80
N ALA A 311 18.43 5.23 -11.96
CA ALA A 311 19.63 6.02 -12.07
C ALA A 311 19.43 7.46 -11.60
N THR A 312 20.39 7.94 -10.81
CA THR A 312 20.39 9.31 -10.34
C THR A 312 21.69 10.00 -10.67
N GLY A 313 22.35 9.52 -11.70
CA GLY A 313 23.60 10.08 -12.11
C GLY A 313 23.97 9.58 -13.48
N MET A 314 25.04 10.12 -14.03
CA MET A 314 25.47 9.75 -15.37
C MET A 314 26.11 8.38 -15.45
N ARG A 315 26.43 7.95 -16.67
CA ARG A 315 27.14 6.70 -16.87
C ARG A 315 28.51 6.88 -16.21
N ASN A 316 28.93 5.87 -15.44
CA ASN A 316 30.19 5.90 -14.72
C ASN A 316 31.29 5.27 -15.56
N VAL A 317 32.33 6.02 -15.87
CA VAL A 317 33.34 5.58 -16.84
C VAL A 317 34.69 5.75 -16.15
N PRO A 318 35.07 4.76 -15.36
CA PRO A 318 36.40 4.87 -14.70
C PRO A 318 37.55 4.80 -15.70
N GLU A 319 38.69 5.33 -15.30
CA GLU A 319 39.93 5.14 -16.09
C GLU A 319 40.35 3.66 -16.08
N GLY B 1 25.84 6.96 -24.91
CA GLY B 1 24.72 7.86 -24.92
C GLY B 1 24.54 8.41 -26.35
N ILE B 2 23.43 9.07 -26.53
CA ILE B 2 22.98 9.45 -27.84
C ILE B 2 23.79 10.63 -28.41
N PHE B 3 24.49 11.38 -27.56
CA PHE B 3 25.40 12.45 -28.04
C PHE B 3 26.83 12.00 -28.31
N GLY B 4 27.25 10.88 -27.76
CA GLY B 4 28.57 10.39 -28.02
C GLY B 4 29.70 11.09 -27.29
N ALA B 5 29.39 11.82 -26.21
CA ALA B 5 30.43 12.48 -25.39
C ALA B 5 30.85 11.60 -24.22
N ILE B 6 29.95 11.38 -23.28
CA ILE B 6 30.21 10.50 -22.12
C ILE B 6 30.28 9.05 -22.59
N ALA B 7 31.35 8.36 -22.21
CA ALA B 7 31.67 7.04 -22.74
C ALA B 7 31.82 7.04 -24.26
N GLY B 8 32.27 8.15 -24.83
CA GLY B 8 32.36 8.31 -26.29
C GLY B 8 33.63 9.08 -26.58
N PHE B 9 33.52 10.31 -27.09
CA PHE B 9 34.73 11.06 -27.42
C PHE B 9 35.50 11.56 -26.17
N ILE B 10 34.83 11.68 -25.01
CA ILE B 10 35.51 11.85 -23.76
C ILE B 10 35.91 10.45 -23.32
N GLU B 11 37.18 10.17 -23.16
CA GLU B 11 37.65 8.78 -22.97
C GLU B 11 37.16 8.20 -21.62
N ASN B 12 37.20 8.99 -20.56
CA ASN B 12 36.70 8.53 -19.27
C ASN B 12 36.39 9.71 -18.37
N GLY B 13 35.73 9.40 -17.28
CA GLY B 13 35.38 10.35 -16.23
C GLY B 13 36.52 10.58 -15.28
N TRP B 14 36.38 11.63 -14.47
CA TRP B 14 37.41 12.06 -13.54
C TRP B 14 36.98 11.78 -12.11
N GLU B 15 37.57 10.75 -11.50
CA GLU B 15 37.33 10.46 -10.08
C GLU B 15 37.78 11.61 -9.19
N GLY B 16 38.80 12.34 -9.65
CA GLY B 16 39.32 13.46 -8.92
C GLY B 16 38.46 14.71 -8.95
N MET B 17 37.39 14.75 -9.76
CA MET B 17 36.48 15.88 -9.68
C MET B 17 35.36 15.55 -8.73
N VAL B 18 35.40 16.15 -7.55
CA VAL B 18 34.45 15.84 -6.50
C VAL B 18 33.51 17.02 -6.19
N ASP B 19 33.66 18.18 -6.80
CA ASP B 19 32.80 19.32 -6.50
C ASP B 19 31.89 19.69 -7.64
N GLY B 20 31.75 18.80 -8.60
CA GLY B 20 30.79 19.00 -9.67
C GLY B 20 30.73 17.79 -10.54
N TRP B 21 29.79 17.79 -11.49
CA TRP B 21 29.61 16.68 -12.38
C TRP B 21 30.32 16.84 -13.73
N TYR B 22 30.51 18.09 -14.15
CA TYR B 22 31.18 18.45 -15.37
C TYR B 22 32.16 19.56 -15.04
N GLY B 23 33.22 19.66 -15.84
CA GLY B 23 34.20 20.70 -15.60
C GLY B 23 35.32 20.73 -16.63
N PHE B 24 36.34 21.48 -16.25
CA PHE B 24 37.48 21.84 -17.08
C PHE B 24 38.76 21.43 -16.42
N ARG B 25 39.66 20.84 -17.20
CA ARG B 25 41.06 20.68 -16.79
C ARG B 25 41.93 21.41 -17.78
N HIS B 26 42.96 22.09 -17.30
CA HIS B 26 43.82 22.84 -18.20
C HIS B 26 45.28 22.61 -17.92
N GLN B 27 46.08 22.90 -18.94
CA GLN B 27 47.51 23.00 -18.82
C GLN B 27 47.93 24.27 -19.54
N ASN B 28 48.69 25.11 -18.84
CA ASN B 28 49.16 26.36 -19.42
C ASN B 28 50.54 26.69 -18.86
N SER B 29 51.03 27.90 -19.15
CA SER B 29 52.31 28.38 -18.64
C SER B 29 52.46 28.34 -17.11
N GLU B 30 51.35 28.46 -16.37
CA GLU B 30 51.39 28.51 -14.90
C GLU B 30 51.17 27.13 -14.21
N GLY B 31 50.88 26.06 -14.97
CA GLY B 31 50.68 24.73 -14.38
C GLY B 31 49.47 24.00 -14.96
N ARG B 32 48.87 23.14 -14.13
CA ARG B 32 47.70 22.40 -14.53
C ARG B 32 46.65 22.35 -13.43
N GLY B 33 45.41 22.37 -13.83
CA GLY B 33 44.35 22.55 -12.84
C GLY B 33 43.01 22.09 -13.30
N GLN B 34 42.08 22.15 -12.37
CA GLN B 34 40.73 21.58 -12.55
C GLN B 34 39.76 22.57 -11.97
N ALA B 35 38.59 22.72 -12.60
CA ALA B 35 37.51 23.49 -12.00
C ALA B 35 36.17 22.90 -12.44
N ALA B 36 35.22 22.76 -11.49
CA ALA B 36 33.85 22.29 -11.81
C ALA B 36 33.06 23.39 -12.50
N ASP B 37 32.19 23.03 -13.44
CA ASP B 37 31.26 23.96 -14.05
C ASP B 37 29.94 23.80 -13.34
N LEU B 38 29.50 24.85 -12.65
CA LEU B 38 28.34 24.76 -11.78
CA LEU B 38 28.31 24.83 -11.80
C LEU B 38 27.02 24.72 -12.59
N LYS B 39 26.90 25.54 -13.62
CA LYS B 39 25.67 25.60 -14.43
C LYS B 39 25.29 24.24 -15.06
N SER B 40 26.23 23.57 -15.71
CA SER B 40 25.92 22.28 -16.35
CA SER B 40 25.93 22.28 -16.34
C SER B 40 25.62 21.22 -15.29
N THR B 41 26.38 21.24 -14.20
CA THR B 41 26.15 20.34 -13.08
C THR B 41 24.73 20.53 -12.54
N GLN B 42 24.34 21.77 -12.29
CA GLN B 42 23.04 22.06 -11.74
C GLN B 42 21.91 21.67 -12.74
N ALA B 43 22.15 21.85 -14.05
CA ALA B 43 21.14 21.50 -15.08
C ALA B 43 20.81 20.02 -15.02
N ALA B 44 21.85 19.20 -14.94
CA ALA B 44 21.66 17.76 -14.85
C ALA B 44 20.97 17.31 -13.55
N ILE B 45 21.47 17.81 -12.43
CA ILE B 45 20.87 17.57 -11.13
C ILE B 45 19.40 18.02 -11.06
N ASP B 46 19.10 19.19 -11.58
CA ASP B 46 17.73 19.68 -11.52
C ASP B 46 16.78 18.73 -12.30
N GLN B 47 17.23 18.22 -13.43
CA GLN B 47 16.38 17.32 -14.24
C GLN B 47 16.13 16.02 -13.51
N ILE B 48 17.18 15.48 -12.91
CA ILE B 48 17.07 14.21 -12.16
C ILE B 48 16.19 14.42 -10.93
N ASN B 49 16.33 15.55 -10.28
CA ASN B 49 15.47 15.87 -9.14
C ASN B 49 14.01 16.01 -9.56
N GLY B 50 13.76 16.50 -10.77
CA GLY B 50 12.39 16.51 -11.33
C GLY B 50 11.79 15.14 -11.43
N LYS B 51 12.60 14.17 -11.90
CA LYS B 51 12.16 12.77 -11.91
C LYS B 51 11.85 12.22 -10.54
N LEU B 52 12.76 12.47 -9.59
CA LEU B 52 12.56 12.03 -8.23
C LEU B 52 11.34 12.68 -7.59
N ASN B 53 11.08 13.95 -7.88
CA ASN B 53 9.87 14.59 -7.39
C ASN B 53 8.58 13.88 -7.83
N ARG B 54 8.59 13.29 -9.01
N ARG B 54 8.60 13.30 -9.03
CA ARG B 54 7.44 12.55 -9.51
CA ARG B 54 7.46 12.55 -9.56
C ARG B 54 7.26 11.18 -8.87
C ARG B 54 7.28 11.18 -8.90
N LEU B 55 8.37 10.59 -8.43
CA LEU B 55 8.39 9.21 -8.00
C LEU B 55 8.49 8.96 -6.51
N ILE B 56 9.02 9.90 -5.74
CA ILE B 56 9.32 9.64 -4.33
C ILE B 56 8.29 10.39 -3.47
N GLY B 57 7.75 9.70 -2.48
CA GLY B 57 6.80 10.32 -1.55
C GLY B 57 5.47 10.67 -2.19
N LYS B 58 5.02 9.88 -3.17
CA LYS B 58 3.82 10.24 -3.92
C LYS B 58 2.73 9.15 -3.89
N THR B 59 2.73 8.31 -2.86
CA THR B 59 1.81 7.17 -2.83
C THR B 59 0.32 7.57 -2.61
N ASN B 60 -0.57 6.73 -3.13
N ASN B 60 -0.59 6.76 -3.11
CA ASN B 60 -2.05 6.86 -3.04
CA ASN B 60 -2.04 6.97 -2.93
C ASN B 60 -2.56 6.07 -1.80
C ASN B 60 -2.63 6.06 -1.85
N GLU B 61 -3.60 6.58 -1.11
CA GLU B 61 -4.22 5.85 0.00
C GLU B 61 -5.29 4.94 -0.49
N LYS B 62 -5.25 3.68 -0.07
CA LYS B 62 -6.35 2.73 -0.23
C LYS B 62 -6.73 2.15 1.12
N PHE B 63 -8.02 1.88 1.29
CA PHE B 63 -8.54 1.44 2.59
C PHE B 63 -9.15 0.06 2.44
N HIS B 64 -10.47 -0.09 2.54
CA HIS B 64 -11.06 -1.44 2.45
C HIS B 64 -11.05 -1.90 1.00
N GLN B 65 -10.62 -3.14 0.76
CA GLN B 65 -10.39 -3.61 -0.61
C GLN B 65 -11.07 -4.98 -0.74
N ILE B 66 -10.53 -5.90 -1.51
CA ILE B 66 -11.02 -7.25 -1.59
C ILE B 66 -10.04 -8.12 -0.79
N GLU B 67 -10.48 -9.32 -0.43
CA GLU B 67 -9.59 -10.30 0.17
C GLU B 67 -8.67 -10.88 -0.87
N LYS B 68 -7.48 -11.27 -0.43
CA LYS B 68 -6.40 -11.66 -1.33
C LYS B 68 -5.74 -12.98 -0.96
N GLU B 69 -6.11 -13.53 0.21
CA GLU B 69 -5.73 -14.86 0.65
C GLU B 69 -6.98 -15.56 1.12
N PHE B 70 -7.02 -16.89 0.97
CA PHE B 70 -8.22 -17.67 1.23
C PHE B 70 -7.88 -19.00 1.91
N SER B 71 -8.60 -19.31 2.98
CA SER B 71 -8.34 -20.52 3.77
C SER B 71 -9.07 -21.77 3.20
N GLU B 72 -10.12 -21.58 2.40
CA GLU B 72 -10.93 -22.69 1.87
C GLU B 72 -11.11 -22.56 0.34
N VAL B 73 -11.23 -23.70 -0.32
CA VAL B 73 -11.64 -23.76 -1.72
C VAL B 73 -13.09 -23.31 -1.87
N GLU B 74 -13.36 -22.46 -2.85
CA GLU B 74 -14.73 -21.94 -3.12
C GLU B 74 -15.17 -21.92 -4.59
N GLY B 75 -14.24 -21.97 -5.56
CA GLY B 75 -14.63 -21.96 -6.96
C GLY B 75 -14.79 -20.55 -7.51
N ARG B 76 -15.88 -20.34 -8.22
CA ARG B 76 -16.00 -19.25 -9.17
C ARG B 76 -15.70 -17.84 -8.65
N ILE B 77 -16.24 -17.47 -7.49
CA ILE B 77 -16.06 -16.10 -7.00
C ILE B 77 -14.61 -15.91 -6.56
N GLN B 78 -14.06 -16.89 -5.87
CA GLN B 78 -12.67 -16.83 -5.46
C GLN B 78 -11.71 -16.82 -6.66
N ASP B 79 -11.99 -17.62 -7.68
CA ASP B 79 -11.26 -17.59 -8.94
C ASP B 79 -11.18 -16.17 -9.51
N LEU B 80 -12.31 -15.47 -9.52
CA LEU B 80 -12.39 -14.10 -10.00
C LEU B 80 -11.63 -13.11 -9.12
N GLU B 81 -11.79 -13.21 -7.80
CA GLU B 81 -11.01 -12.36 -6.90
C GLU B 81 -9.51 -12.51 -7.09
N LYS B 82 -9.06 -13.74 -7.26
CA LYS B 82 -7.65 -14.00 -7.48
C LYS B 82 -7.19 -13.47 -8.85
N TYR B 83 -8.01 -13.66 -9.87
CA TYR B 83 -7.66 -13.21 -11.22
C TYR B 83 -7.59 -11.69 -11.29
N VAL B 84 -8.53 -11.03 -10.62
CA VAL B 84 -8.53 -9.57 -10.59
C VAL B 84 -7.22 -9.06 -9.97
N GLU B 85 -6.82 -9.63 -8.83
CA GLU B 85 -5.62 -9.20 -8.18
C GLU B 85 -4.37 -9.52 -9.00
N ASP B 86 -4.28 -10.75 -9.52
CA ASP B 86 -3.13 -11.13 -10.34
C ASP B 86 -2.97 -10.18 -11.56
N THR B 87 -4.10 -9.84 -12.17
CA THR B 87 -4.14 -8.96 -13.34
C THR B 87 -3.59 -7.59 -13.00
N LYS B 88 -4.06 -7.05 -11.86
CA LYS B 88 -3.62 -5.76 -11.36
C LYS B 88 -2.15 -5.78 -11.11
N ILE B 89 -1.66 -6.78 -10.39
CA ILE B 89 -0.25 -6.85 -10.04
C ILE B 89 0.65 -6.93 -11.26
N ASP B 90 0.28 -7.76 -12.22
CA ASP B 90 1.06 -7.85 -13.45
C ASP B 90 1.12 -6.53 -14.24
N LEU B 91 0.01 -5.80 -14.27
CA LEU B 91 0.01 -4.54 -14.98
C LEU B 91 0.87 -3.51 -14.25
N TRP B 92 0.77 -3.46 -12.92
CA TRP B 92 1.64 -2.53 -12.16
C TRP B 92 3.11 -2.89 -12.24
N SER B 93 3.39 -4.19 -12.23
CA SER B 93 4.75 -4.65 -12.35
C SER B 93 5.38 -4.29 -13.68
N TYR B 94 4.58 -4.40 -14.75
CA TYR B 94 4.97 -3.95 -16.07
C TYR B 94 5.21 -2.44 -16.10
N ASN B 95 4.29 -1.68 -15.52
CA ASN B 95 4.49 -0.22 -15.46
C ASN B 95 5.79 0.14 -14.74
N ALA B 96 6.06 -0.51 -13.63
CA ALA B 96 7.22 -0.21 -12.83
C ALA B 96 8.52 -0.50 -13.56
N GLU B 97 8.60 -1.68 -14.16
CA GLU B 97 9.80 -2.07 -14.88
C GLU B 97 10.06 -1.18 -16.09
N LEU B 98 9.02 -0.90 -16.88
CA LEU B 98 9.14 -0.02 -18.03
C LEU B 98 9.54 1.39 -17.68
N LEU B 99 8.91 1.92 -16.63
CA LEU B 99 9.23 3.29 -16.14
C LEU B 99 10.70 3.45 -15.83
N VAL B 100 11.24 2.48 -15.11
CA VAL B 100 12.63 2.57 -14.70
CA VAL B 100 12.63 2.59 -14.68
C VAL B 100 13.56 2.42 -15.90
N ALA B 101 13.24 1.48 -16.79
CA ALA B 101 14.06 1.31 -17.98
C ALA B 101 14.09 2.58 -18.88
N LEU B 102 12.92 3.17 -19.08
CA LEU B 102 12.79 4.39 -19.91
CA LEU B 102 12.78 4.37 -19.91
C LEU B 102 13.47 5.57 -19.25
N GLU B 103 13.23 5.73 -17.96
CA GLU B 103 13.78 6.84 -17.21
C GLU B 103 15.30 6.76 -17.20
N ASN B 104 15.83 5.56 -16.98
CA ASN B 104 17.25 5.35 -16.99
C ASN B 104 17.92 5.64 -18.32
N GLN B 105 17.30 5.19 -19.42
CA GLN B 105 17.81 5.51 -20.74
C GLN B 105 17.86 7.03 -20.91
N HIS B 106 16.78 7.69 -20.47
CA HIS B 106 16.70 9.11 -20.60
C HIS B 106 17.73 9.87 -19.72
N THR B 107 17.96 9.38 -18.51
CA THR B 107 18.93 9.98 -17.62
C THR B 107 20.35 9.92 -18.20
N ILE B 108 20.71 8.76 -18.74
CA ILE B 108 21.98 8.60 -19.41
C ILE B 108 22.11 9.59 -20.56
N ASP B 109 21.05 9.66 -21.38
CA ASP B 109 21.04 10.63 -22.49
C ASP B 109 21.07 12.12 -22.08
N LEU B 110 20.32 12.50 -21.03
CA LEU B 110 20.31 13.92 -20.63
C LEU B 110 21.69 14.33 -20.03
N THR B 111 22.34 13.41 -19.32
CA THR B 111 23.65 13.66 -18.79
C THR B 111 24.72 13.76 -19.86
N ASP B 112 24.60 12.93 -20.89
CA ASP B 112 25.49 13.04 -22.04
C ASP B 112 25.24 14.38 -22.73
N SER B 113 23.96 14.74 -22.89
CA SER B 113 23.56 16.00 -23.52
C SER B 113 24.24 17.19 -22.79
N GLU B 114 24.20 17.20 -21.47
CA GLU B 114 24.77 18.33 -20.74
C GLU B 114 26.31 18.44 -20.96
N MET B 115 26.98 17.29 -21.05
CA MET B 115 28.40 17.27 -21.38
C MET B 115 28.64 17.88 -22.77
N ASN B 116 27.84 17.43 -23.73
CA ASN B 116 27.96 17.92 -25.09
C ASN B 116 27.67 19.43 -25.19
N LYS B 117 26.64 19.90 -24.47
CA LYS B 117 26.32 21.34 -24.48
C LYS B 117 27.47 22.22 -24.00
N LEU B 118 28.11 21.76 -22.93
CA LEU B 118 29.23 22.52 -22.35
C LEU B 118 30.42 22.53 -23.30
N PHE B 119 30.70 21.38 -23.90
CA PHE B 119 31.73 21.28 -24.94
C PHE B 119 31.49 22.26 -26.09
N GLU B 120 30.30 22.19 -26.66
CA GLU B 120 29.92 23.12 -27.75
C GLU B 120 30.02 24.59 -27.42
N LYS B 121 29.56 24.95 -26.23
CA LYS B 121 29.61 26.32 -25.74
C LYS B 121 31.07 26.82 -25.70
N THR B 122 31.94 25.97 -25.16
CA THR B 122 33.35 26.32 -25.04
C THR B 122 34.02 26.48 -26.41
N LYS B 123 33.75 25.52 -27.29
CA LYS B 123 34.23 25.54 -28.66
C LYS B 123 33.86 26.86 -29.34
N LYS B 124 32.60 27.26 -29.22
CA LYS B 124 32.16 28.51 -29.83
C LYS B 124 32.85 29.76 -29.24
N GLN B 125 33.09 29.79 -27.93
CA GLN B 125 33.76 30.94 -27.33
C GLN B 125 35.13 31.14 -27.94
N LEU B 126 35.84 30.03 -28.16
CA LEU B 126 37.22 30.09 -28.62
C LEU B 126 37.42 30.55 -30.06
N ARG B 127 36.35 30.52 -30.87
CA ARG B 127 36.38 31.04 -32.25
C ARG B 127 37.58 30.47 -33.03
N GLU B 128 38.46 31.32 -33.59
CA GLU B 128 39.58 30.84 -34.41
C GLU B 128 40.86 30.68 -33.56
N ASN B 129 40.72 30.71 -32.25
CA ASN B 129 41.87 30.69 -31.35
C ASN B 129 42.30 29.34 -30.87
N ALA B 130 41.52 28.32 -31.19
CA ALA B 130 41.78 26.96 -30.72
C ALA B 130 41.27 25.97 -31.69
N GLU B 131 41.76 24.74 -31.54
CA GLU B 131 41.30 23.60 -32.34
C GLU B 131 40.91 22.42 -31.46
N ASP B 132 39.85 21.71 -31.87
CA ASP B 132 39.32 20.53 -31.18
C ASP B 132 40.21 19.34 -31.45
N MET B 133 40.83 18.78 -30.41
CA MET B 133 41.76 17.67 -30.60
C MET B 133 41.03 16.33 -30.72
N GLY B 134 39.70 16.30 -30.56
CA GLY B 134 38.88 15.09 -30.78
C GLY B 134 38.53 14.26 -29.56
N ASN B 135 39.07 14.66 -28.39
CA ASN B 135 38.95 13.90 -27.17
C ASN B 135 38.39 14.76 -26.03
N GLY B 136 37.66 15.80 -26.39
CA GLY B 136 37.17 16.76 -25.41
C GLY B 136 38.13 17.86 -25.05
N CYS B 137 39.34 17.89 -25.66
CA CYS B 137 40.33 18.92 -25.34
C CYS B 137 40.47 19.85 -26.52
N PHE B 138 40.71 21.12 -26.20
CA PHE B 138 41.03 22.15 -27.15
C PHE B 138 42.51 22.49 -27.06
N LYS B 139 43.18 22.57 -28.21
CA LYS B 139 44.54 23.12 -28.27
C LYS B 139 44.39 24.62 -28.49
N ILE B 140 44.81 25.41 -27.51
CA ILE B 140 44.66 26.87 -27.56
C ILE B 140 45.99 27.43 -28.05
N TYR B 141 45.93 28.19 -29.15
CA TYR B 141 47.17 28.62 -29.86
C TYR B 141 47.72 30.01 -29.45
N HIS B 142 47.53 30.36 -28.19
CA HIS B 142 48.08 31.58 -27.64
C HIS B 142 48.38 31.35 -26.19
N LYS B 143 49.26 32.18 -25.65
CA LYS B 143 49.53 32.16 -24.22
C LYS B 143 48.22 32.42 -23.49
N CYS B 144 47.89 31.54 -22.57
CA CYS B 144 46.59 31.61 -21.91
C CYS B 144 46.85 31.28 -20.45
N ASP B 145 47.14 32.34 -19.68
CA ASP B 145 47.40 32.21 -18.24
C ASP B 145 46.15 31.89 -17.41
N ASN B 146 46.30 31.80 -16.09
CA ASN B 146 45.17 31.42 -15.25
C ASN B 146 43.96 32.33 -15.37
N ALA B 147 44.19 33.64 -15.40
CA ALA B 147 43.07 34.58 -15.64
C ALA B 147 42.40 34.34 -16.97
N CYS B 148 43.18 34.06 -18.01
CA CYS B 148 42.64 33.75 -19.33
C CYS B 148 41.76 32.48 -19.33
N ILE B 149 42.26 31.40 -18.74
CA ILE B 149 41.48 30.18 -18.58
C ILE B 149 40.19 30.48 -17.79
N GLY B 150 40.32 31.19 -16.68
CA GLY B 150 39.16 31.62 -15.87
C GLY B 150 38.14 32.42 -16.66
N SER B 151 38.60 33.27 -17.59
CA SER B 151 37.66 34.04 -18.48
C SER B 151 36.90 33.13 -19.42
N ILE B 152 37.54 32.06 -19.89
CA ILE B 152 36.85 31.05 -20.68
C ILE B 152 35.80 30.34 -19.81
N ARG B 153 36.22 29.89 -18.64
CA ARG B 153 35.35 29.20 -17.70
C ARG B 153 34.12 30.01 -17.30
N ASN B 154 34.27 31.33 -17.19
CA ASN B 154 33.12 32.15 -16.79
C ASN B 154 32.45 32.89 -17.93
N GLY B 155 32.79 32.56 -19.18
CA GLY B 155 32.09 33.10 -20.33
C GLY B 155 32.41 34.54 -20.65
N THR B 156 33.54 35.07 -20.17
CA THR B 156 33.96 36.44 -20.47
C THR B 156 35.19 36.55 -21.39
N TYR B 157 35.68 35.44 -21.92
CA TYR B 157 36.86 35.44 -22.81
C TYR B 157 36.59 36.26 -24.08
N ASP B 158 37.52 37.16 -24.41
CA ASP B 158 37.39 38.04 -25.58
C ASP B 158 38.33 37.49 -26.64
N HIS B 159 37.78 36.78 -27.62
CA HIS B 159 38.61 36.12 -28.60
C HIS B 159 39.44 37.12 -29.46
N ASN B 160 38.95 38.34 -29.63
CA ASN B 160 39.64 39.34 -30.44
C ASN B 160 40.99 39.76 -29.86
N VAL B 161 41.12 39.67 -28.54
CA VAL B 161 42.38 40.01 -27.83
C VAL B 161 43.53 39.12 -28.26
N TYR B 162 43.23 37.85 -28.51
CA TYR B 162 44.24 36.84 -28.80
C TYR B 162 44.28 36.38 -30.24
N ARG B 163 43.36 36.87 -31.06
CA ARG B 163 43.19 36.30 -32.40
C ARG B 163 44.43 36.44 -33.31
N ASP B 164 45.08 37.61 -33.31
CA ASP B 164 46.25 37.82 -34.16
C ASP B 164 47.34 36.81 -33.75
N GLU B 165 47.57 36.69 -32.45
CA GLU B 165 48.54 35.72 -31.94
C GLU B 165 48.19 34.29 -32.34
N ALA B 166 46.91 33.94 -32.18
CA ALA B 166 46.48 32.57 -32.42
C ALA B 166 46.54 32.21 -33.91
N LEU B 167 46.12 33.10 -34.79
CA LEU B 167 46.15 32.79 -36.22
C LEU B 167 47.58 32.59 -36.72
N ASN B 168 48.49 33.45 -36.27
CA ASN B 168 49.90 33.28 -36.57
C ASN B 168 50.42 31.89 -36.15
N ASN B 169 50.10 31.46 -34.94
CA ASN B 169 50.54 30.12 -34.52
C ASN B 169 49.86 28.96 -35.26
N ARG B 170 48.58 29.08 -35.55
CA ARG B 170 47.84 28.00 -36.21
C ARG B 170 48.26 27.80 -37.63
N PHE B 171 48.47 28.91 -38.33
CA PHE B 171 48.59 28.84 -39.78
C PHE B 171 50.02 29.02 -40.25
N GLN B 172 50.96 28.77 -39.32
CA GLN B 172 52.38 28.47 -39.60
C GLN B 172 52.67 27.46 -40.71
N ILE B 173 53.93 27.54 -41.19
CA ILE B 173 54.55 26.68 -42.24
C ILE B 173 53.61 26.38 -43.42
#